data_6CJS
#
_entry.id   6CJS
#
_cell.length_a   86.210
_cell.length_b   86.210
_cell.length_c   225.846
_cell.angle_alpha   90.000
_cell.angle_beta   90.000
_cell.angle_gamma   90.000
#
_symmetry.space_group_name_H-M   'I 41 2 2'
#
loop_
_entity.id
_entity.type
_entity.pdbx_description
1 polymer 'Heat shock protein 90 homolog'
2 non-polymer 5-[2,4-DIHYDROXY-5-(1-METHYLETHYL)PHENYL]-N-ETHYL-4-[4-(MORPHOLIN-4-YLMETHYL)PHENYL]ISOXAZOLE-3-CARBOXAMIDE
3 non-polymer 1,2-ETHANEDIOL
4 water water
#
_entity_poly.entity_id   1
_entity_poly.type   'polypeptide(L)'
_entity_poly.pdbx_seq_one_letter_code
;MHHHHHHSSGRENLYFQGETHEFTAEISQLMSLIINTVYSNKEIFLRELISNASDALDKIRYQALSDPSQLESEPELFIR
IIPQKDQKVLEIRDSGIGMTKADLVNNLGTIAKSGTKSFMEALSAGADVSMIGQFGVGFYSLFLVADHVQVISKHNDDEQ
YVWESNAGGKFTVTLDETNERLGRGTMLRLFLKEDQLEYLEEKRIKEVVKKHSEFVAYPIQLVVTKEVEK
;
_entity_poly.pdbx_strand_id   A
#
loop_
_chem_comp.id
_chem_comp.type
_chem_comp.name
_chem_comp.formula
2GJ non-polymer 5-[2,4-DIHYDROXY-5-(1-METHYLETHYL)PHENYL]-N-ETHYL-4-[4-(MORPHOLIN-4-YLMETHYL)PHENYL]ISOXAZOLE-3-CARBOXAMIDE 'C26 H31 N3 O5'
EDO non-polymer 1,2-ETHANEDIOL 'C2 H6 O2'
#
# COMPACT_ATOMS: atom_id res chain seq x y z
N ASN A 13 35.50 -4.13 -5.56
CA ASN A 13 34.25 -3.34 -5.62
C ASN A 13 33.24 -3.81 -4.58
N LEU A 14 32.49 -2.85 -4.08
CA LEU A 14 31.57 -3.06 -2.98
C LEU A 14 30.14 -3.10 -3.48
N TYR A 15 29.34 -3.98 -2.90
CA TYR A 15 27.94 -4.11 -3.27
C TYR A 15 27.06 -3.76 -2.08
N PHE A 16 25.92 -3.17 -2.40
CA PHE A 16 24.77 -2.97 -1.54
C PHE A 16 24.92 -1.85 -0.50
N GLN A 17 26.02 -1.13 -0.44
CA GLN A 17 26.12 -0.10 0.59
C GLN A 17 25.01 0.90 0.44
N GLY A 18 24.19 1.02 1.48
CA GLY A 18 23.04 1.91 1.48
C GLY A 18 21.88 1.52 0.58
N GLU A 19 21.91 0.35 -0.06
CA GLU A 19 20.93 0.03 -1.11
C GLU A 19 19.81 -0.87 -0.57
N THR A 20 19.16 -0.36 0.48
CA THR A 20 18.18 -1.15 1.19
C THR A 20 17.01 -1.56 0.31
N HIS A 21 16.69 -0.74 -0.70
CA HIS A 21 15.55 -1.08 -1.55
C HIS A 21 15.75 -2.42 -2.23
N GLU A 22 17.02 -2.82 -2.45
CA GLU A 22 17.29 -4.08 -3.12
C GLU A 22 16.72 -5.27 -2.36
N PHE A 23 16.45 -5.12 -1.06
CA PHE A 23 15.96 -6.17 -0.20
C PHE A 23 14.50 -5.98 0.22
N THR A 24 13.75 -5.11 -0.46
CA THR A 24 12.42 -4.79 0.02
C THR A 24 11.57 -6.05 0.21
N ALA A 25 11.61 -6.96 -0.77
CA ALA A 25 10.75 -8.14 -0.67
C ALA A 25 11.17 -9.04 0.49
N GLU A 26 12.47 -9.25 0.64
CA GLU A 26 12.96 -10.09 1.72
C GLU A 26 12.67 -9.47 3.09
N ILE A 27 12.88 -8.16 3.22
CA ILE A 27 12.59 -7.50 4.50
C ILE A 27 11.10 -7.60 4.82
N SER A 28 10.25 -7.54 3.80
CA SER A 28 8.81 -7.65 4.03
C SER A 28 8.44 -9.01 4.61
N GLN A 29 9.12 -10.08 4.17
CA GLN A 29 8.84 -11.40 4.72
C GLN A 29 9.20 -11.48 6.20
N LEU A 30 10.31 -10.83 6.62
CA LEU A 30 10.62 -10.75 8.03
C LEU A 30 9.52 -9.99 8.80
N MET A 31 9.15 -8.81 8.30
CA MET A 31 8.11 -8.03 8.95
C MET A 31 6.77 -8.75 8.95
N SER A 32 6.44 -9.47 7.85
CA SER A 32 5.18 -10.21 7.84
C SER A 32 5.13 -11.24 8.97
N LEU A 33 6.23 -11.95 9.19
CA LEU A 33 6.23 -12.95 10.26
C LEU A 33 6.01 -12.29 11.62
N ILE A 34 6.68 -11.16 11.86
CA ILE A 34 6.57 -10.49 13.15
C ILE A 34 5.15 -9.98 13.35
N ILE A 35 4.64 -9.23 12.37
CA ILE A 35 3.37 -8.56 12.56
C ILE A 35 2.19 -9.52 12.62
N ASN A 36 2.27 -10.64 11.89
CA ASN A 36 1.18 -11.61 11.98
C ASN A 36 1.19 -12.39 13.28
N THR A 37 2.37 -12.56 13.91
CA THR A 37 2.42 -13.19 15.22
C THR A 37 1.89 -12.23 16.30
N VAL A 38 2.20 -10.95 16.15
CA VAL A 38 1.81 -9.95 17.15
C VAL A 38 0.32 -9.60 17.08
N TYR A 39 -0.25 -9.51 15.86
CA TYR A 39 -1.65 -9.07 15.66
C TYR A 39 -2.49 -10.23 15.14
N SER A 40 -3.41 -10.72 15.98
CA SER A 40 -4.38 -11.72 15.55
C SER A 40 -5.55 -11.09 14.82
N ASN A 41 -5.94 -9.86 15.16
CA ASN A 41 -6.97 -9.14 14.44
C ASN A 41 -6.33 -8.34 13.30
N LYS A 42 -6.58 -8.78 12.07
CA LYS A 42 -5.89 -8.27 10.91
C LYS A 42 -6.45 -6.95 10.40
N GLU A 43 -7.62 -6.51 10.89
CA GLU A 43 -8.39 -5.53 10.17
C GLU A 43 -7.71 -4.16 10.11
N ILE A 44 -6.76 -3.88 11.03
CA ILE A 44 -6.11 -2.57 11.01
C ILE A 44 -5.31 -2.32 9.74
N PHE A 45 -5.06 -3.34 8.90
CA PHE A 45 -4.35 -3.08 7.65
C PHE A 45 -5.04 -1.99 6.84
N LEU A 46 -6.37 -1.96 6.87
CA LEU A 46 -7.09 -1.04 6.03
C LEU A 46 -6.96 0.39 6.54
N ARG A 47 -6.97 0.58 7.87
CA ARG A 47 -6.73 1.89 8.47
C ARG A 47 -5.42 2.47 7.96
N GLU A 48 -4.39 1.64 7.92
CA GLU A 48 -3.05 2.13 7.62
C GLU A 48 -2.92 2.48 6.15
N LEU A 49 -3.54 1.68 5.27
CA LEU A 49 -3.50 1.98 3.84
C LEU A 49 -4.25 3.27 3.55
N ILE A 50 -5.40 3.45 4.20
CA ILE A 50 -6.18 4.67 3.98
C ILE A 50 -5.42 5.89 4.48
N SER A 51 -4.73 5.74 5.61
CA SER A 51 -3.97 6.86 6.16
C SER A 51 -2.83 7.25 5.21
N ASN A 52 -2.14 6.27 4.60
CA ASN A 52 -1.11 6.62 3.63
C ASN A 52 -1.69 7.29 2.38
N ALA A 53 -2.82 6.80 1.88
CA ALA A 53 -3.49 7.47 0.78
C ALA A 53 -3.86 8.90 1.14
N SER A 54 -4.40 9.13 2.34
CA SER A 54 -4.77 10.47 2.74
C SER A 54 -3.57 11.43 2.68
N ASP A 55 -2.39 10.96 3.12
CA ASP A 55 -1.20 11.79 3.09
C ASP A 55 -0.83 12.18 1.66
N ALA A 56 -0.91 11.22 0.73
CA ALA A 56 -0.62 11.53 -0.66
C ALA A 56 -1.68 12.46 -1.26
N LEU A 57 -2.91 12.33 -0.82
CA LEU A 57 -3.93 13.29 -1.24
C LEU A 57 -3.66 14.69 -0.71
N ASP A 58 -3.21 14.83 0.55
CA ASP A 58 -2.86 16.15 1.06
C ASP A 58 -1.79 16.81 0.17
N LYS A 59 -0.78 16.04 -0.26
CA LYS A 59 0.30 16.63 -1.03
C LYS A 59 -0.19 17.21 -2.36
N ILE A 60 -0.99 16.45 -3.12
CA ILE A 60 -1.51 17.00 -4.38
C ILE A 60 -2.45 18.17 -4.10
N ARG A 61 -3.25 18.08 -3.03
CA ARG A 61 -4.17 19.18 -2.71
C ARG A 61 -3.42 20.49 -2.48
N TYR A 62 -2.31 20.45 -1.75
CA TYR A 62 -1.57 21.67 -1.48
C TYR A 62 -0.78 22.16 -2.69
N GLN A 63 -0.16 21.26 -3.45
CA GLN A 63 0.49 21.69 -4.68
C GLN A 63 -0.51 22.32 -5.64
N ALA A 64 -1.69 21.72 -5.77
CA ALA A 64 -2.67 22.24 -6.72
C ALA A 64 -3.27 23.57 -6.27
N LEU A 65 -3.07 23.94 -5.01
CA LEU A 65 -3.61 25.18 -4.50
C LEU A 65 -3.08 26.37 -5.29
N SER A 66 -1.79 26.35 -5.62
CA SER A 66 -1.16 27.42 -6.39
C SER A 66 -1.01 27.08 -7.86
N ASP A 67 -1.38 25.87 -8.25
CA ASP A 67 -1.23 25.40 -9.63
C ASP A 67 -2.32 24.39 -9.91
N PRO A 68 -3.54 24.84 -10.19
CA PRO A 68 -4.66 23.89 -10.35
C PRO A 68 -4.55 22.96 -11.54
N SER A 69 -3.69 23.24 -12.53
CA SER A 69 -3.53 22.32 -13.64
C SER A 69 -3.05 20.94 -13.20
N GLN A 70 -2.41 20.85 -12.03
CA GLN A 70 -1.98 19.56 -11.53
C GLN A 70 -3.14 18.62 -11.26
N LEU A 71 -4.34 19.15 -11.08
CA LEU A 71 -5.47 18.26 -10.84
C LEU A 71 -6.06 17.69 -12.11
N GLU A 72 -5.71 18.23 -13.29
CA GLU A 72 -6.43 17.85 -14.51
C GLU A 72 -6.23 16.38 -14.87
N SER A 73 -5.11 15.77 -14.47
CA SER A 73 -4.91 14.35 -14.71
C SER A 73 -5.97 13.48 -14.01
N GLU A 74 -6.58 13.97 -12.90
CA GLU A 74 -7.61 13.27 -12.13
C GLU A 74 -8.26 14.29 -11.21
N PRO A 75 -9.32 14.97 -11.66
CA PRO A 75 -9.76 16.18 -10.96
C PRO A 75 -10.37 15.96 -9.60
N GLU A 76 -10.83 14.75 -9.25
CA GLU A 76 -11.39 14.48 -7.93
C GLU A 76 -10.35 13.84 -7.02
N LEU A 77 -10.44 14.15 -5.72
CA LEU A 77 -9.56 13.60 -4.69
C LEU A 77 -10.35 12.54 -3.92
N PHE A 78 -9.92 11.29 -4.01
CA PHE A 78 -10.71 10.22 -3.46
C PHE A 78 -9.82 9.04 -3.09
N ILE A 79 -10.37 8.18 -2.24
CA ILE A 79 -9.84 6.85 -1.97
C ILE A 79 -10.91 5.85 -2.40
N ARG A 80 -10.49 4.76 -3.05
CA ARG A 80 -11.44 3.85 -3.68
C ARG A 80 -11.01 2.42 -3.41
N ILE A 81 -11.94 1.63 -2.87
CA ILE A 81 -11.67 0.26 -2.46
C ILE A 81 -12.42 -0.65 -3.42
N ILE A 82 -11.71 -1.55 -4.10
CA ILE A 82 -12.32 -2.41 -5.12
C ILE A 82 -11.98 -3.88 -4.87
N PRO A 83 -12.86 -4.65 -4.23
CA PRO A 83 -12.61 -6.09 -4.13
C PRO A 83 -12.72 -6.76 -5.51
N GLN A 84 -11.80 -7.68 -5.80
CA GLN A 84 -11.79 -8.45 -7.05
C GLN A 84 -11.93 -9.91 -6.66
N LYS A 85 -13.17 -10.35 -6.50
CA LYS A 85 -13.40 -11.61 -5.77
C LYS A 85 -12.77 -12.77 -6.53
N ASP A 86 -12.89 -12.76 -7.87
CA ASP A 86 -12.41 -13.87 -8.67
C ASP A 86 -10.91 -14.05 -8.53
N GLN A 87 -10.18 -12.94 -8.40
CA GLN A 87 -8.73 -12.97 -8.28
C GLN A 87 -8.27 -13.06 -6.83
N LYS A 88 -9.20 -12.99 -5.87
CA LYS A 88 -8.87 -12.92 -4.45
C LYS A 88 -7.90 -11.75 -4.20
N VAL A 89 -8.24 -10.62 -4.81
CA VAL A 89 -7.44 -9.40 -4.72
C VAL A 89 -8.30 -8.29 -4.14
N LEU A 90 -7.74 -7.53 -3.22
CA LEU A 90 -8.38 -6.30 -2.77
C LEU A 90 -7.51 -5.13 -3.27
N GLU A 91 -8.11 -4.22 -4.02
CA GLU A 91 -7.42 -3.05 -4.55
C GLU A 91 -7.78 -1.82 -3.73
N ILE A 92 -6.77 -1.04 -3.37
CA ILE A 92 -6.97 0.28 -2.76
C ILE A 92 -6.31 1.34 -3.63
N ARG A 93 -7.13 2.22 -4.17
CA ARG A 93 -6.72 3.23 -5.13
C ARG A 93 -6.93 4.60 -4.50
N ASP A 94 -6.02 5.52 -4.78
CA ASP A 94 -6.22 6.91 -4.39
C ASP A 94 -5.81 7.76 -5.58
N SER A 95 -6.30 8.99 -5.57
CA SER A 95 -5.91 9.98 -6.57
C SER A 95 -4.96 11.02 -5.97
N GLY A 96 -4.02 10.56 -5.15
CA GLY A 96 -3.04 11.41 -4.52
C GLY A 96 -1.98 11.82 -5.52
N ILE A 97 -0.90 12.38 -4.98
CA ILE A 97 0.15 12.94 -5.83
C ILE A 97 0.87 11.88 -6.65
N GLY A 98 0.96 10.67 -6.15
CA GLY A 98 1.64 9.61 -6.87
C GLY A 98 3.15 9.69 -6.73
N MET A 99 3.80 8.67 -7.31
CA MET A 99 5.25 8.54 -7.23
C MET A 99 5.87 8.36 -8.61
N THR A 100 6.88 9.16 -8.89
CA THR A 100 7.68 8.87 -10.06
C THR A 100 8.48 7.58 -9.84
N LYS A 101 9.14 7.10 -10.90
CA LYS A 101 9.98 5.92 -10.73
C LYS A 101 10.98 6.13 -9.59
N ALA A 102 11.63 7.29 -9.56
CA ALA A 102 12.63 7.54 -8.53
C ALA A 102 11.98 7.67 -7.17
N ASP A 103 10.82 8.33 -7.09
CA ASP A 103 10.09 8.37 -5.83
C ASP A 103 9.76 6.96 -5.32
N LEU A 104 9.29 6.08 -6.20
CA LEU A 104 8.92 4.74 -5.77
C LEU A 104 10.14 3.98 -5.26
N VAL A 105 11.27 4.08 -5.97
CA VAL A 105 12.51 3.47 -5.48
C VAL A 105 12.88 4.03 -4.10
N ASN A 106 12.88 5.37 -3.98
CA ASN A 106 13.30 6.01 -2.73
C ASN A 106 12.37 5.66 -1.58
N ASN A 107 11.05 5.66 -1.82
CA ASN A 107 10.12 5.33 -0.75
C ASN A 107 10.20 3.85 -0.34
N LEU A 108 10.39 2.95 -1.31
CA LEU A 108 10.58 1.55 -0.93
C LEU A 108 11.88 1.39 -0.14
N GLY A 109 12.94 2.10 -0.53
CA GLY A 109 14.20 2.03 0.22
C GLY A 109 14.04 2.51 1.65
N THR A 110 13.33 3.62 1.85
CA THR A 110 13.09 4.10 3.21
C THR A 110 12.25 3.11 4.00
N ILE A 111 11.20 2.57 3.36
CA ILE A 111 10.37 1.58 4.03
C ILE A 111 11.18 0.35 4.38
N ALA A 112 12.06 -0.07 3.47
CA ALA A 112 12.89 -1.23 3.71
C ALA A 112 13.84 -0.99 4.88
N LYS A 113 14.44 0.20 4.94
CA LYS A 113 15.35 0.53 6.02
C LYS A 113 14.62 0.59 7.35
N SER A 114 13.41 1.14 7.37
CA SER A 114 12.66 1.15 8.62
C SER A 114 12.28 -0.26 9.05
N GLY A 115 12.10 -1.17 8.08
CA GLY A 115 11.84 -2.55 8.41
C GLY A 115 13.04 -3.20 9.08
N THR A 116 14.24 -2.94 8.55
CA THR A 116 15.41 -3.52 9.18
C THR A 116 15.51 -3.03 10.62
N LYS A 117 15.22 -1.75 10.85
CA LYS A 117 15.28 -1.23 12.21
C LYS A 117 14.23 -1.89 13.11
N SER A 118 12.98 -2.03 12.61
CA SER A 118 11.94 -2.68 13.42
CA SER A 118 11.94 -2.68 13.42
C SER A 118 12.28 -4.14 13.68
N PHE A 119 12.81 -4.84 12.69
CA PHE A 119 13.15 -6.24 12.88
C PHE A 119 14.29 -6.41 13.88
N MET A 120 15.35 -5.62 13.74
CA MET A 120 16.45 -5.73 14.73
C MET A 120 15.97 -5.37 16.14
N GLU A 121 15.03 -4.42 16.26
CA GLU A 121 14.52 -4.06 17.59
C GLU A 121 13.67 -5.19 18.17
N ALA A 122 12.86 -5.85 17.33
CA ALA A 122 12.10 -7.02 17.79
C ALA A 122 13.02 -8.07 18.39
N LEU A 123 14.19 -8.30 17.75
CA LEU A 123 15.12 -9.29 18.28
C LEU A 123 15.79 -8.82 19.57
N SER A 124 16.10 -7.54 19.65
CA SER A 124 16.87 -7.10 20.81
C SER A 124 15.95 -6.85 22.01
N ALA A 125 14.78 -6.27 21.77
CA ALA A 125 13.88 -5.87 22.85
C ALA A 125 12.57 -6.64 22.88
N GLY A 126 12.25 -7.37 21.82
CA GLY A 126 10.94 -7.97 21.69
C GLY A 126 9.96 -7.02 21.02
N ALA A 127 8.91 -7.59 20.43
CA ALA A 127 7.88 -6.81 19.75
C ALA A 127 6.55 -7.02 20.46
N ASP A 128 5.72 -5.97 20.54
CA ASP A 128 4.36 -6.13 21.04
C ASP A 128 3.40 -5.32 20.19
N VAL A 129 2.13 -5.24 20.60
CA VAL A 129 1.16 -4.60 19.74
C VAL A 129 1.31 -3.09 19.64
N SER A 130 2.24 -2.50 20.41
CA SER A 130 2.55 -1.10 20.14
C SER A 130 3.40 -0.89 18.88
N MET A 131 3.93 -1.95 18.24
CA MET A 131 4.81 -1.76 17.09
C MET A 131 4.15 -0.99 15.95
N ILE A 132 2.81 -1.01 15.87
CA ILE A 132 2.13 -0.24 14.82
C ILE A 132 2.48 1.26 14.89
N GLY A 133 2.96 1.73 16.02
CA GLY A 133 3.36 3.13 16.16
C GLY A 133 4.71 3.47 15.54
N GLN A 134 5.50 2.45 15.18
CA GLN A 134 6.80 2.67 14.59
C GLN A 134 6.69 3.07 13.12
N PHE A 135 7.55 4.00 12.73
CA PHE A 135 7.63 4.43 11.33
C PHE A 135 7.70 3.21 10.40
N GLY A 136 6.87 3.21 9.35
CA GLY A 136 6.91 2.18 8.33
C GLY A 136 6.09 0.96 8.63
N VAL A 137 5.75 0.70 9.88
CA VAL A 137 5.02 -0.54 10.16
C VAL A 137 3.62 -0.51 9.54
N GLY A 138 3.08 0.68 9.29
CA GLY A 138 1.80 0.78 8.63
C GLY A 138 1.82 0.17 7.23
N PHE A 139 2.91 0.35 6.51
CA PHE A 139 3.02 -0.27 5.21
C PHE A 139 3.00 -1.79 5.36
N TYR A 140 3.85 -2.31 6.25
CA TYR A 140 3.98 -3.75 6.39
C TYR A 140 2.71 -4.41 6.92
N SER A 141 1.82 -3.65 7.57
CA SER A 141 0.58 -4.22 8.05
C SER A 141 -0.31 -4.76 6.91
N LEU A 142 -0.06 -4.38 5.66
CA LEU A 142 -0.78 -5.00 4.55
C LEU A 142 -0.57 -6.52 4.54
N PHE A 143 0.58 -6.99 5.04
CA PHE A 143 0.87 -8.42 5.10
C PHE A 143 0.12 -9.13 6.23
N LEU A 144 -0.69 -8.40 7.01
CA LEU A 144 -1.66 -9.06 7.87
C LEU A 144 -2.70 -9.83 7.06
N VAL A 145 -3.05 -9.34 5.87
CA VAL A 145 -4.07 -10.01 5.07
C VAL A 145 -3.56 -10.48 3.73
N ALA A 146 -2.46 -9.96 3.22
CA ALA A 146 -1.96 -10.27 1.89
C ALA A 146 -0.68 -11.08 1.98
N ASP A 147 -0.49 -12.03 1.08
CA ASP A 147 0.83 -12.62 0.96
CA ASP A 147 0.82 -12.63 0.94
C ASP A 147 1.68 -11.93 -0.11
N HIS A 148 1.08 -11.15 -1.01
CA HIS A 148 1.83 -10.46 -2.06
C HIS A 148 1.14 -9.14 -2.35
N VAL A 149 1.89 -8.18 -2.87
CA VAL A 149 1.35 -6.86 -3.16
C VAL A 149 1.98 -6.34 -4.43
N GLN A 150 1.19 -5.61 -5.21
CA GLN A 150 1.67 -4.79 -6.31
C GLN A 150 1.39 -3.34 -5.93
N VAL A 151 2.41 -2.49 -6.07
CA VAL A 151 2.28 -1.06 -5.84
C VAL A 151 2.37 -0.40 -7.19
N ILE A 152 1.29 0.25 -7.63
CA ILE A 152 1.18 0.88 -8.94
C ILE A 152 1.04 2.38 -8.73
N SER A 153 1.82 3.18 -9.44
CA SER A 153 1.75 4.61 -9.17
C SER A 153 1.99 5.44 -10.42
N LYS A 154 1.35 6.62 -10.42
CA LYS A 154 1.42 7.55 -11.54
C LYS A 154 1.48 8.95 -10.97
N HIS A 155 2.61 9.62 -11.20
CA HIS A 155 2.85 11.02 -10.86
C HIS A 155 2.72 11.84 -12.14
N ASN A 156 2.28 13.09 -12.01
CA ASN A 156 2.11 13.92 -13.20
C ASN A 156 3.40 14.07 -14.00
N ASP A 157 4.56 13.95 -13.36
CA ASP A 157 5.84 14.21 -14.04
C ASP A 157 6.50 12.95 -14.58
N ASP A 158 5.81 11.81 -14.59
CA ASP A 158 6.42 10.56 -15.05
C ASP A 158 5.34 9.62 -15.56
N GLU A 159 5.79 8.47 -16.06
CA GLU A 159 4.90 7.43 -16.57
C GLU A 159 4.44 6.54 -15.42
N GLN A 160 3.53 5.63 -15.73
CA GLN A 160 3.00 4.72 -14.71
C GLN A 160 4.01 3.60 -14.46
N TYR A 161 4.30 3.34 -13.18
CA TYR A 161 5.26 2.32 -12.79
C TYR A 161 4.61 1.34 -11.82
N VAL A 162 5.20 0.14 -11.74
CA VAL A 162 4.72 -0.87 -10.81
C VAL A 162 5.89 -1.60 -10.14
N TRP A 163 5.72 -1.87 -8.85
CA TRP A 163 6.61 -2.76 -8.10
C TRP A 163 5.80 -3.96 -7.63
N GLU A 164 6.35 -5.15 -7.82
CA GLU A 164 5.67 -6.38 -7.43
C GLU A 164 6.50 -7.13 -6.40
N SER A 165 5.95 -7.34 -5.20
CA SER A 165 6.71 -7.99 -4.15
C SER A 165 7.04 -9.43 -4.51
N ASN A 166 6.23 -10.06 -5.35
CA ASN A 166 6.41 -11.46 -5.72
C ASN A 166 7.17 -11.63 -7.03
N ALA A 167 7.57 -10.54 -7.67
CA ALA A 167 8.37 -10.64 -8.89
C ALA A 167 9.68 -11.36 -8.61
N GLY A 168 9.97 -12.39 -9.39
CA GLY A 168 11.22 -13.09 -9.23
C GLY A 168 12.40 -12.20 -9.54
N GLY A 169 13.53 -12.53 -8.92
CA GLY A 169 14.78 -11.92 -9.28
C GLY A 169 15.11 -10.62 -8.59
N LYS A 170 15.87 -9.79 -9.28
CA LYS A 170 16.39 -8.56 -8.71
C LYS A 170 15.28 -7.54 -8.50
N PHE A 171 15.33 -6.82 -7.40
CA PHE A 171 14.42 -5.70 -7.17
C PHE A 171 14.32 -4.87 -8.45
N THR A 172 13.10 -4.61 -8.90
CA THR A 172 12.93 -3.75 -10.06
CA THR A 172 12.93 -3.75 -10.06
C THR A 172 11.61 -2.99 -9.95
N VAL A 173 11.62 -1.77 -10.48
CA VAL A 173 10.44 -0.95 -10.66
C VAL A 173 10.22 -0.86 -12.15
N THR A 174 9.11 -1.42 -12.62
CA THR A 174 8.89 -1.68 -14.04
C THR A 174 7.90 -0.70 -14.63
N LEU A 175 8.22 -0.21 -15.83
CA LEU A 175 7.25 0.57 -16.59
C LEU A 175 6.00 -0.26 -16.78
N ASP A 176 4.85 0.31 -16.41
CA ASP A 176 3.61 -0.44 -16.35
C ASP A 176 2.93 -0.39 -17.72
N GLU A 177 2.95 -1.49 -18.44
CA GLU A 177 2.28 -1.58 -19.73
C GLU A 177 1.17 -2.61 -19.70
N THR A 178 0.72 -2.96 -18.50
CA THR A 178 -0.21 -4.05 -18.26
C THR A 178 -1.46 -3.60 -17.53
N ASN A 179 -1.34 -2.88 -16.42
CA ASN A 179 -2.51 -2.58 -15.60
C ASN A 179 -3.30 -1.41 -16.17
N GLU A 180 -4.51 -1.22 -15.65
CA GLU A 180 -5.32 -0.08 -16.08
C GLU A 180 -4.59 1.22 -15.79
N ARG A 181 -4.85 2.22 -16.61
CA ARG A 181 -4.24 3.52 -16.43
C ARG A 181 -4.80 4.22 -15.20
N LEU A 182 -3.94 4.55 -14.25
CA LEU A 182 -4.30 5.57 -13.29
C LEU A 182 -4.09 6.92 -13.96
N GLY A 183 -5.02 7.85 -13.75
CA GLY A 183 -4.80 9.18 -14.25
C GLY A 183 -3.74 9.89 -13.42
N ARG A 184 -3.77 9.65 -12.10
CA ARG A 184 -2.82 10.14 -11.14
C ARG A 184 -3.09 9.42 -9.83
N GLY A 185 -2.02 9.02 -9.14
CA GLY A 185 -2.15 8.49 -7.80
C GLY A 185 -1.52 7.10 -7.70
N THR A 186 -2.03 6.34 -6.72
CA THR A 186 -1.43 5.07 -6.36
C THR A 186 -2.49 4.02 -6.12
N MET A 187 -2.21 2.80 -6.58
CA MET A 187 -3.04 1.66 -6.25
C MET A 187 -2.17 0.56 -5.65
N LEU A 188 -2.58 0.05 -4.50
CA LEU A 188 -2.04 -1.18 -3.97
C LEU A 188 -3.01 -2.31 -4.32
N ARG A 189 -2.47 -3.38 -4.86
CA ARG A 189 -3.25 -4.57 -5.19
C ARG A 189 -2.79 -5.65 -4.23
N LEU A 190 -3.69 -6.04 -3.33
CA LEU A 190 -3.40 -6.98 -2.27
C LEU A 190 -3.87 -8.37 -2.66
N PHE A 191 -2.94 -9.33 -2.78
CA PHE A 191 -3.28 -10.72 -3.08
C PHE A 191 -3.55 -11.39 -1.75
N LEU A 192 -4.83 -11.56 -1.41
CA LEU A 192 -5.21 -11.95 -0.07
C LEU A 192 -4.86 -13.41 0.25
N LYS A 193 -4.50 -13.64 1.50
CA LYS A 193 -4.34 -14.98 2.04
C LYS A 193 -5.68 -15.72 2.07
N GLU A 194 -5.60 -17.04 1.91
CA GLU A 194 -6.82 -17.85 1.82
C GLU A 194 -7.66 -17.75 3.09
N ASP A 195 -7.06 -17.41 4.24
CA ASP A 195 -7.84 -17.31 5.47
C ASP A 195 -8.31 -15.87 5.75
N GLN A 196 -8.04 -14.93 4.86
CA GLN A 196 -8.42 -13.53 5.05
C GLN A 196 -9.38 -13.03 3.97
N LEU A 197 -10.13 -13.95 3.34
CA LEU A 197 -11.04 -13.53 2.28
C LEU A 197 -12.27 -12.79 2.79
N GLU A 198 -12.50 -12.71 4.10
CA GLU A 198 -13.59 -11.88 4.59
C GLU A 198 -13.45 -10.44 4.08
N TYR A 199 -12.23 -9.97 3.83
CA TYR A 199 -12.03 -8.56 3.45
C TYR A 199 -12.35 -8.28 1.98
N LEU A 200 -12.87 -9.26 1.24
CA LEU A 200 -13.49 -8.97 -0.04
C LEU A 200 -14.99 -8.67 0.07
N GLU A 201 -15.58 -8.81 1.26
CA GLU A 201 -17.03 -8.63 1.41
C GLU A 201 -17.38 -7.19 1.76
N GLU A 202 -18.43 -6.68 1.10
CA GLU A 202 -18.83 -5.28 1.27
C GLU A 202 -19.14 -4.96 2.73
N LYS A 203 -19.90 -5.84 3.40
CA LYS A 203 -20.31 -5.56 4.78
C LYS A 203 -19.07 -5.43 5.68
N ARG A 204 -18.12 -6.33 5.50
CA ARG A 204 -16.94 -6.32 6.33
C ARG A 204 -16.10 -5.07 6.08
N ILE A 205 -15.89 -4.73 4.81
CA ILE A 205 -15.11 -3.54 4.47
C ILE A 205 -15.71 -2.31 5.09
N LYS A 206 -17.03 -2.16 4.95
CA LYS A 206 -17.69 -0.98 5.49
C LYS A 206 -17.55 -0.89 6.99
N GLU A 207 -17.69 -2.02 7.70
CA GLU A 207 -17.50 -2.04 9.15
C GLU A 207 -16.11 -1.49 9.52
N VAL A 208 -15.08 -1.94 8.79
CA VAL A 208 -13.71 -1.62 9.13
C VAL A 208 -13.43 -0.15 8.86
N VAL A 209 -13.91 0.35 7.74
CA VAL A 209 -13.75 1.77 7.41
C VAL A 209 -14.43 2.66 8.45
N LYS A 210 -15.66 2.34 8.81
CA LYS A 210 -16.38 3.20 9.76
C LYS A 210 -15.70 3.17 11.13
N LYS A 211 -15.22 2.00 11.52
CA LYS A 211 -14.60 1.86 12.82
C LYS A 211 -13.29 2.64 12.90
N HIS A 212 -12.45 2.55 11.87
CA HIS A 212 -11.06 2.98 11.98
C HIS A 212 -10.72 4.25 11.21
N SER A 213 -11.55 4.66 10.25
CA SER A 213 -11.17 5.73 9.34
C SER A 213 -12.21 6.83 9.28
N GLU A 214 -12.92 7.01 10.38
CA GLU A 214 -13.97 8.01 10.43
C GLU A 214 -13.44 9.42 10.18
N PHE A 215 -12.22 9.72 10.63
CA PHE A 215 -11.72 11.11 10.59
C PHE A 215 -10.87 11.40 9.35
N VAL A 216 -10.84 10.49 8.38
CA VAL A 216 -10.17 10.79 7.12
C VAL A 216 -11.03 11.77 6.34
N ALA A 217 -10.41 12.84 5.85
CA ALA A 217 -11.16 13.97 5.27
C ALA A 217 -11.28 13.88 3.75
N TYR A 218 -11.31 12.68 3.21
CA TYR A 218 -11.56 12.45 1.79
C TYR A 218 -12.65 11.41 1.69
N PRO A 219 -13.44 11.44 0.62
CA PRO A 219 -14.42 10.37 0.41
C PRO A 219 -13.75 9.01 0.20
N ILE A 220 -14.27 8.02 0.89
CA ILE A 220 -13.82 6.64 0.75
C ILE A 220 -14.92 5.89 0.00
N GLN A 221 -14.61 5.51 -1.24
CA GLN A 221 -15.59 4.90 -2.12
C GLN A 221 -15.35 3.40 -2.17
N LEU A 222 -16.43 2.62 -2.24
CA LEU A 222 -16.36 1.18 -2.32
C LEU A 222 -17.06 0.78 -3.63
N VAL A 223 -16.36 0.02 -4.48
CA VAL A 223 -16.86 -0.41 -5.78
C VAL A 223 -17.06 -1.91 -5.70
N VAL A 224 -18.30 -2.38 -5.88
CA VAL A 224 -18.67 -3.76 -5.66
C VAL A 224 -19.34 -4.26 -6.91
N THR A 225 -18.79 -5.30 -7.53
CA THR A 225 -19.43 -6.06 -8.60
C THR A 225 -19.99 -7.37 -8.04
N LYS A 226 -21.26 -7.64 -8.30
CA LYS A 226 -21.87 -8.88 -7.86
C LYS A 226 -22.83 -9.34 -8.93
N GLU A 227 -22.83 -10.65 -9.22
CA GLU A 227 -23.86 -11.24 -10.04
C GLU A 227 -25.20 -11.24 -9.29
N VAL A 228 -26.27 -10.88 -9.99
CA VAL A 228 -27.60 -10.96 -9.41
C VAL A 228 -28.02 -12.43 -9.45
N GLU A 229 -28.31 -13.01 -8.29
CA GLU A 229 -28.71 -14.41 -8.20
C GLU A 229 -30.19 -14.52 -8.57
N LYS A 230 -30.51 -15.18 -9.68
CA LYS A 230 -31.86 -15.18 -10.21
C LYS A 230 -32.29 -16.60 -10.51
C25 2GJ B . 4.49 5.64 3.89
C26 2GJ B . 4.48 4.43 4.82
O27 2GJ B . 5.66 4.24 5.59
C28 2GJ B . 6.21 5.42 6.15
C29 2GJ B . 5.49 6.73 5.77
N24 2GJ B . 5.21 6.78 4.36
C23 2GJ B . 4.46 8.00 4.06
C20 2GJ B . 4.01 8.06 2.57
C21 2GJ B . 2.66 8.11 2.26
C22 2GJ B . 2.24 8.16 0.93
C19 2GJ B . 4.94 8.09 1.55
C18 2GJ B . 4.54 8.15 0.23
C7 2GJ B . 3.18 8.16 -0.09
C3 2GJ B . 2.73 8.22 -1.42
C2 2GJ B . 3.04 9.19 -2.33
C8 2GJ B . 3.97 10.38 -2.09
O9 2GJ B . 4.06 10.90 -1.02
N10 2GJ B . 4.78 10.87 -3.18
C11 2GJ B . 5.65 11.99 -2.92
C12 2GJ B . 6.75 12.01 -3.99
N1 2GJ B . 2.36 8.94 -3.49
O5 2GJ B . 1.60 7.74 -3.30
C4 2GJ B . 1.84 7.33 -2.05
C6 2GJ B . 1.30 6.19 -1.45
C13 2GJ B . 2.15 5.22 -0.91
C14 2GJ B . 1.59 4.09 -0.34
C30 2GJ B . 2.46 2.99 0.27
C32 2GJ B . 3.48 2.49 -0.81
C31 2GJ B . 3.26 3.48 1.46
C15 2GJ B . 0.20 3.96 -0.30
O34 2GJ B . -0.35 2.87 0.32
C16 2GJ B . -0.62 4.92 -0.85
C17 2GJ B . -0.08 6.04 -1.44
O33 2GJ B . -0.88 7.03 -2.01
H251 2GJ B . 3.57 5.91 3.74
H252 2GJ B . 4.87 5.37 3.04
H261 2GJ B . 3.73 4.54 5.44
H262 2GJ B . 4.35 3.64 4.28
H281 2GJ B . 6.18 5.34 7.13
H282 2GJ B . 7.13 5.49 5.86
H291 2GJ B . 4.65 6.79 6.26
H292 2GJ B . 6.06 7.49 6.00
H231 2GJ B . 3.67 8.04 4.63
H232 2GJ B . 5.02 8.77 4.24
H21 2GJ B . 2.02 8.10 2.95
H19 2GJ B . 5.85 8.06 1.76
H22 2GJ B . 1.33 8.18 0.73
H18 2GJ B . 5.18 8.18 -0.44
H10 2GJ B . 4.73 10.50 -3.95
H111 2GJ B . 5.15 12.81 -2.95
H112 2GJ B . 6.06 11.89 -2.04
H121 2GJ B . 7.10 12.92 -4.08
H122 2GJ B . 7.48 11.42 -3.73
H123 2GJ B . 6.38 11.72 -4.84
H13 2GJ B . 3.07 5.33 -0.94
H30 2GJ B . 1.86 2.29 0.56
H321 2GJ B . 4.17 3.15 -0.92
H322 2GJ B . 3.87 1.66 -0.52
H323 2GJ B . 3.02 2.36 -1.64
H311 2GJ B . 2.67 3.90 2.10
H312 2GJ B . 3.71 2.73 1.88
H313 2GJ B . 3.93 4.12 1.16
H34 2GJ B . -1.13 2.72 -0.01
H16 2GJ B . -1.55 4.81 -0.81
H33 2GJ B . -1.69 6.90 -1.81
C1 EDO C . 12.78 1.17 16.32
O1 EDO C . 11.92 1.23 15.19
C2 EDO C . 12.24 2.07 17.43
O2 EDO C . 10.88 1.76 17.72
H11 EDO C . 12.83 0.13 16.68
H12 EDO C . 13.78 1.48 16.04
HO1 EDO C . 12.25 0.63 14.50
H21 EDO C . 12.85 1.94 18.33
H22 EDO C . 12.33 3.11 17.11
HO2 EDO C . 10.57 2.33 18.44
#